data_7L3V
#
_entry.id   7L3V
#
_cell.length_a   46.159
_cell.length_b   118.787
_cell.length_c   61.307
_cell.angle_alpha   90.000
_cell.angle_beta   107.246
_cell.angle_gamma   90.000
#
_symmetry.space_group_name_H-M   'P 1 21 1'
#
loop_
_entity.id
_entity.type
_entity.pdbx_description
1 polymer 'Phosphoenolpyruvate carboxykinase, cytosolic [GTP]'
2 non-polymer 'CARBON DIOXIDE'
3 non-polymer "GUANOSINE-5'-DIPHOSPHATE"
4 non-polymer PHOSPHOENOLPYRUVATE
5 non-polymer 'MANGANESE (II) ION'
6 water water
#
_entity_poly.entity_id   1
_entity_poly.type   'polypeptide(L)'
_entity_poly.pdbx_seq_one_letter_code
;GSMPPQLHNGLDFSAKVIQGSLDSLPQEVRKFVEGNAQLCQPEYIHICDGSEEEYGRLLAHMQEEGVIRKLKKYDNCWLA
LTDPRDVARIESKTVIITQEQRDTVPIPKSGQSQLGRWMSEEDFEKAFNARFPGCMKGRTMYVIPFSMGPLGSPLAKIGI
ELTDSPYVVASMRIMTRMGTSVLEALGDGEFIKCLHSVGCPLPLKKPLVNNWACNPELTLIAHLPDRREIISFGSGYGGN
SLLGKKCFALRIASRLAKEEGWLAEHMLILGITNPEGKKKYLAAAFPSACGKTNLAMMNPTLPGWKVECVGDDIAWMKFD
AQGNLRAINPENGFFGVAPGTSVKTNPNAIKTIQKNTIFTNVAETSDGGVYWEGIDEPLAPGVTITSWKNKEWRPQDEEP
CAHPNSRFCTPASQCPIIDPAWESPEGVPIEGIIFGGRRPAGVPLVYEALSWQHGVFVGAAMRSEATAAAEHKGKVIMHD
PFAMRPFFGYNFGKYLAHWLSMAHRPAAKLPKIFHVNWFRKDKNGKFLWPGFGENSRVLEWMFGRIEGEDSAKLTPIGYV
PKEDALNLKGLGDVNVEELFGISKEFWEKEVEEIDKYLEDQVNADLPYEIERELRALKQRISQM
;
_entity_poly.pdbx_strand_id   A
#
loop_
_chem_comp.id
_chem_comp.type
_chem_comp.name
_chem_comp.formula
CO2 non-polymer 'CARBON DIOXIDE' 'C O2'
GDP RNA linking GUANOSINE-5'-DIPHOSPHATE 'C10 H15 N5 O11 P2'
MN non-polymer 'MANGANESE (II) ION' 'Mn 2'
PEP non-polymer PHOSPHOENOLPYRUVATE 'C3 H5 O6 P'
#
# COMPACT_ATOMS: atom_id res chain seq x y z
N ASP A 12 -7.03 20.15 -32.68
CA ASP A 12 -5.82 19.35 -32.79
C ASP A 12 -4.78 19.98 -31.88
N PHE A 13 -4.49 19.33 -30.76
CA PHE A 13 -3.45 19.77 -29.85
C PHE A 13 -2.07 19.30 -30.29
N SER A 14 -1.96 18.77 -31.51
CA SER A 14 -0.67 18.26 -31.99
C SER A 14 0.41 19.34 -31.93
N ALA A 15 0.04 20.58 -32.24
CA ALA A 15 1.02 21.66 -32.26
C ALA A 15 1.70 21.85 -30.91
N LYS A 16 1.12 21.33 -29.83
CA LYS A 16 1.65 21.53 -28.50
C LYS A 16 2.43 20.33 -27.98
N VAL A 17 2.60 19.29 -28.79
CA VAL A 17 3.28 18.08 -28.34
C VAL A 17 4.79 18.29 -28.46
N ILE A 18 5.49 18.20 -27.33
CA ILE A 18 6.93 18.42 -27.31
C ILE A 18 7.71 17.13 -27.14
N GLN A 19 7.06 16.01 -26.84
CA GLN A 19 7.71 14.71 -26.94
C GLN A 19 6.66 13.68 -27.35
N GLY A 20 6.98 12.88 -28.37
CA GLY A 20 6.08 11.88 -28.89
C GLY A 20 5.20 12.46 -29.97
N SER A 21 4.07 11.78 -30.21
CA SER A 21 3.08 12.32 -31.13
C SER A 21 1.72 11.72 -30.82
N LEU A 22 0.69 12.55 -31.01
CA LEU A 22 -0.68 12.09 -30.83
C LEU A 22 -1.08 11.03 -31.85
N ASP A 23 -0.48 11.05 -33.05
CA ASP A 23 -0.76 10.02 -34.04
C ASP A 23 -0.16 8.68 -33.65
N SER A 24 0.84 8.67 -32.77
CA SER A 24 1.43 7.42 -32.29
C SER A 24 0.54 6.70 -31.29
N LEU A 25 -0.45 7.39 -30.72
CA LEU A 25 -1.15 6.81 -29.58
C LEU A 25 -2.33 5.98 -30.05
N PRO A 26 -2.64 4.89 -29.35
CA PRO A 26 -3.94 4.24 -29.57
C PRO A 26 -5.04 5.29 -29.54
N GLN A 27 -6.11 5.03 -30.29
CA GLN A 27 -7.10 6.05 -30.56
C GLN A 27 -7.86 6.47 -29.30
N GLU A 28 -8.22 5.51 -28.44
CA GLU A 28 -8.90 5.89 -27.20
C GLU A 28 -7.95 6.65 -26.27
N VAL A 29 -6.65 6.38 -26.33
CA VAL A 29 -5.71 7.14 -25.53
C VAL A 29 -5.60 8.58 -26.04
N ARG A 30 -5.62 8.74 -27.37
CA ARG A 30 -5.58 10.08 -27.93
C ARG A 30 -6.79 10.90 -27.49
N LYS A 31 -7.98 10.29 -27.51
CA LYS A 31 -9.18 11.02 -27.10
C LYS A 31 -9.07 11.45 -25.65
N PHE A 32 -8.45 10.63 -24.81
CA PHE A 32 -8.30 10.97 -23.40
C PHE A 32 -7.32 12.12 -23.21
N VAL A 33 -6.21 12.11 -23.92
CA VAL A 33 -5.24 13.21 -23.82
C VAL A 33 -5.83 14.50 -24.36
N GLU A 34 -6.37 14.45 -25.57
CA GLU A 34 -6.88 15.66 -26.22
C GLU A 34 -8.07 16.23 -25.47
N GLY A 35 -9.00 15.38 -25.04
CA GLY A 35 -10.16 15.88 -24.31
C GLY A 35 -9.76 16.62 -23.05
N ASN A 36 -8.83 16.05 -22.29
CA ASN A 36 -8.37 16.74 -21.08
C ASN A 36 -7.40 17.87 -21.38
N ALA A 37 -6.67 17.81 -22.50
CA ALA A 37 -5.92 18.99 -22.88
C ALA A 37 -6.85 20.17 -23.15
N GLN A 38 -7.97 19.91 -23.83
CA GLN A 38 -8.91 21.00 -24.08
C GLN A 38 -9.43 21.57 -22.77
N LEU A 39 -9.68 20.70 -21.78
CA LEU A 39 -10.25 21.22 -20.54
C LEU A 39 -9.20 21.92 -19.67
N CYS A 40 -8.04 21.28 -19.46
CA CYS A 40 -7.05 21.80 -18.54
C CYS A 40 -6.16 22.86 -19.17
N GLN A 41 -6.08 22.91 -20.48
CA GLN A 41 -5.37 23.96 -21.21
CA GLN A 41 -5.38 23.95 -21.22
C GLN A 41 -3.90 24.00 -20.83
N PRO A 42 -3.18 22.88 -20.92
CA PRO A 42 -1.74 22.92 -20.70
C PRO A 42 -1.03 23.67 -21.83
N GLU A 43 0.14 24.22 -21.50
CA GLU A 43 0.94 24.87 -22.54
C GLU A 43 1.54 23.85 -23.50
N TYR A 44 1.95 22.70 -22.97
CA TYR A 44 2.66 21.67 -23.69
C TYR A 44 2.12 20.30 -23.29
N ILE A 45 2.30 19.34 -24.18
CA ILE A 45 1.96 17.93 -23.92
C ILE A 45 3.24 17.14 -24.14
N HIS A 46 3.67 16.41 -23.12
CA HIS A 46 4.89 15.62 -23.13
C HIS A 46 4.47 14.17 -22.92
N ILE A 47 4.57 13.35 -23.95
CA ILE A 47 4.25 11.92 -23.86
C ILE A 47 5.50 11.17 -23.42
N CYS A 48 5.46 10.61 -22.23
CA CYS A 48 6.66 10.02 -21.65
C CYS A 48 7.06 8.73 -22.35
N ASP A 49 8.37 8.54 -22.53
CA ASP A 49 8.88 7.33 -23.14
C ASP A 49 9.50 6.36 -22.15
N GLY A 50 9.71 6.77 -20.90
CA GLY A 50 10.26 5.91 -19.87
C GLY A 50 11.76 5.79 -19.86
N SER A 51 12.45 6.49 -20.76
CA SER A 51 13.88 6.35 -20.96
C SER A 51 14.69 6.99 -19.84
N GLU A 52 15.92 6.49 -19.65
CA GLU A 52 16.83 7.07 -18.67
CA GLU A 52 16.79 7.08 -18.65
C GLU A 52 17.13 8.52 -19.00
N GLU A 53 17.23 8.84 -20.30
CA GLU A 53 17.50 10.21 -20.73
C GLU A 53 16.40 11.16 -20.23
N GLU A 54 15.15 10.83 -20.57
CA GLU A 54 14.03 11.64 -20.11
C GLU A 54 14.03 11.81 -18.60
N TYR A 55 14.30 10.71 -17.88
CA TYR A 55 14.26 10.74 -16.42
C TYR A 55 15.37 11.62 -15.85
N GLY A 56 16.60 11.47 -16.31
CA GLY A 56 17.70 12.26 -15.80
C GLY A 56 17.53 13.73 -16.13
N ARG A 57 17.05 14.03 -17.32
CA ARG A 57 16.87 15.42 -17.70
C ARG A 57 15.78 16.09 -16.87
N LEU A 58 14.73 15.34 -16.55
CA LEU A 58 13.64 15.89 -15.76
C LEU A 58 14.09 16.15 -14.32
N LEU A 59 14.81 15.19 -13.73
CA LEU A 59 15.39 15.43 -12.41
C LEU A 59 16.26 16.68 -12.41
N ALA A 60 17.09 16.85 -13.44
CA ALA A 60 17.99 18.00 -13.48
C ALA A 60 17.23 19.31 -13.59
N HIS A 61 16.20 19.33 -14.44
CA HIS A 61 15.30 20.48 -14.52
C HIS A 61 14.69 20.81 -13.16
N MET A 62 14.09 19.81 -12.49
CA MET A 62 13.57 20.03 -11.16
C MET A 62 14.64 20.56 -10.22
N GLN A 63 15.87 20.05 -10.36
CA GLN A 63 16.96 20.52 -9.52
C GLN A 63 17.25 21.99 -9.75
N GLU A 64 17.30 22.42 -11.02
CA GLU A 64 17.60 23.82 -11.31
C GLU A 64 16.49 24.75 -10.85
N GLU A 65 15.23 24.30 -10.92
CA GLU A 65 14.09 25.09 -10.46
C GLU A 65 13.94 25.07 -8.93
N GLY A 66 14.77 24.32 -8.22
CA GLY A 66 14.63 24.22 -6.79
C GLY A 66 13.50 23.34 -6.29
N VAL A 67 12.99 22.42 -7.10
CA VAL A 67 11.95 21.53 -6.62
C VAL A 67 12.51 20.29 -5.91
N ILE A 68 13.73 19.88 -6.22
CA ILE A 68 14.42 18.81 -5.51
C ILE A 68 15.87 19.23 -5.34
N ARG A 69 16.61 18.47 -4.53
CA ARG A 69 18.03 18.67 -4.30
C ARG A 69 18.73 17.34 -4.51
N LYS A 70 19.92 17.39 -5.09
CA LYS A 70 20.74 16.19 -5.25
C LYS A 70 21.42 15.84 -3.93
N LEU A 71 21.41 14.56 -3.57
CA LEU A 71 22.04 14.07 -2.35
C LEU A 71 23.48 13.69 -2.71
N LYS A 72 24.42 14.57 -2.33
CA LYS A 72 25.81 14.43 -2.76
C LYS A 72 26.41 13.09 -2.40
N LYS A 73 26.01 12.38 -1.67
CA LYS A 73 26.64 11.23 -1.04
C LYS A 73 26.25 9.94 -1.75
N TYR A 74 25.21 10.10 -2.34
CA TYR A 74 24.73 8.88 -2.94
C TYR A 74 24.77 8.95 -4.47
N ASP A 75 24.66 7.77 -5.07
CA ASP A 75 24.57 7.59 -6.52
C ASP A 75 23.14 7.88 -6.95
N ASN A 76 22.93 9.09 -7.50
CA ASN A 76 21.67 9.43 -8.15
C ASN A 76 20.48 9.37 -7.19
N CYS A 77 20.61 10.02 -6.04
CA CYS A 77 19.50 10.13 -5.09
C CYS A 77 19.13 11.61 -4.92
N TRP A 78 17.90 11.84 -4.49
CA TRP A 78 17.27 13.15 -4.57
C TRP A 78 16.34 13.35 -3.39
N LEU A 79 16.19 14.60 -2.98
CA LEU A 79 15.37 14.93 -1.84
C LEU A 79 14.40 16.04 -2.20
N ALA A 80 13.11 15.80 -1.93
CA ALA A 80 12.05 16.78 -2.09
C ALA A 80 11.45 17.13 -0.74
N LEU A 81 11.31 18.43 -0.48
CA LEU A 81 10.63 18.92 0.72
C LEU A 81 9.32 19.57 0.28
N THR A 82 8.21 19.14 0.86
CA THR A 82 6.92 19.62 0.40
C THR A 82 6.46 20.84 1.19
N ASP A 83 5.40 21.48 0.70
CA ASP A 83 4.59 22.37 1.52
C ASP A 83 3.97 21.55 2.65
N PRO A 84 4.08 21.99 3.91
CA PRO A 84 3.66 21.13 5.04
C PRO A 84 2.16 20.84 5.08
N ARG A 85 1.34 21.64 4.40
CA ARG A 85 -0.08 21.33 4.25
C ARG A 85 -0.33 20.15 3.31
N ASP A 86 0.71 19.66 2.63
CA ASP A 86 0.56 18.64 1.58
C ASP A 86 1.56 17.55 1.92
N VAL A 87 1.23 16.75 2.93
CA VAL A 87 2.20 15.83 3.50
C VAL A 87 1.70 14.40 3.58
N ALA A 88 0.43 14.18 3.26
CA ALA A 88 -0.10 12.83 3.36
C ALA A 88 -1.46 12.74 2.71
N ARG A 89 -1.89 11.50 2.45
CA ARG A 89 -3.25 11.22 2.04
C ARG A 89 -4.23 11.83 3.04
N ILE A 90 -5.35 12.33 2.52
CA ILE A 90 -6.40 12.93 3.34
C ILE A 90 -7.67 12.14 3.10
N GLU A 91 -7.94 11.17 3.98
CA GLU A 91 -9.15 10.35 3.83
C GLU A 91 -10.40 11.21 3.72
N SER A 92 -10.45 12.33 4.45
CA SER A 92 -11.63 13.19 4.40
C SER A 92 -11.96 13.63 2.97
N LYS A 93 -10.97 13.74 2.10
CA LYS A 93 -11.14 14.30 0.76
C LYS A 93 -11.02 13.23 -0.33
N THR A 94 -11.14 11.98 0.04
CA THR A 94 -10.98 10.83 -0.85
C THR A 94 -12.35 10.17 -0.97
N VAL A 95 -12.85 10.05 -2.19
CA VAL A 95 -14.23 9.69 -2.41
C VAL A 95 -14.35 8.74 -3.58
N ILE A 96 -15.41 7.94 -3.56
CA ILE A 96 -15.78 7.03 -4.65
C ILE A 96 -17.16 7.44 -5.15
N ILE A 97 -17.32 7.46 -6.47
CA ILE A 97 -18.56 7.90 -7.11
C ILE A 97 -19.25 6.70 -7.73
N THR A 98 -20.49 6.45 -7.32
CA THR A 98 -21.34 5.43 -7.92
C THR A 98 -22.77 5.96 -7.95
N GLN A 99 -23.61 5.35 -8.80
N GLN A 99 -23.61 5.34 -8.79
CA GLN A 99 -25.02 5.75 -8.86
CA GLN A 99 -25.01 5.74 -8.87
C GLN A 99 -25.66 5.68 -7.48
C GLN A 99 -25.70 5.65 -7.51
N GLU A 100 -25.43 4.58 -6.76
CA GLU A 100 -26.05 4.36 -5.45
C GLU A 100 -24.98 4.25 -4.38
N GLN A 101 -25.20 4.93 -3.26
CA GLN A 101 -24.21 4.95 -2.19
C GLN A 101 -23.90 3.54 -1.68
N ARG A 102 -24.91 2.69 -1.63
CA ARG A 102 -24.74 1.39 -1.01
C ARG A 102 -23.78 0.50 -1.81
N ASP A 103 -23.56 0.78 -3.08
CA ASP A 103 -22.58 -0.02 -3.81
C ASP A 103 -21.15 0.31 -3.38
N THR A 104 -20.94 1.47 -2.76
CA THR A 104 -19.64 1.94 -2.34
C THR A 104 -19.37 1.68 -0.87
N VAL A 105 -20.36 1.90 -0.02
CA VAL A 105 -20.22 1.69 1.42
C VAL A 105 -21.50 1.05 1.94
N PRO A 106 -21.41 0.16 2.92
CA PRO A 106 -22.63 -0.27 3.62
C PRO A 106 -23.25 0.94 4.28
N ILE A 107 -24.58 0.98 4.30
CA ILE A 107 -25.30 2.04 5.00
C ILE A 107 -25.19 1.83 6.50
N PRO A 108 -24.44 2.67 7.22
CA PRO A 108 -24.22 2.40 8.64
C PRO A 108 -25.42 2.79 9.47
N LYS A 109 -25.73 1.93 10.45
CA LYS A 109 -26.83 2.24 11.36
CA LYS A 109 -26.83 2.23 11.37
C LYS A 109 -26.62 3.59 12.03
N SER A 110 -25.40 3.88 12.45
CA SER A 110 -25.08 5.11 13.16
C SER A 110 -25.06 6.34 12.26
N GLY A 111 -25.00 6.16 10.94
CA GLY A 111 -25.03 7.25 10.02
C GLY A 111 -23.68 7.75 9.59
N GLN A 112 -22.61 7.37 10.29
CA GLN A 112 -21.25 7.73 9.89
C GLN A 112 -20.46 6.46 9.64
N SER A 113 -20.22 6.17 8.37
CA SER A 113 -19.42 5.02 7.97
C SER A 113 -17.94 5.29 8.16
N GLN A 114 -17.26 4.27 8.70
CA GLN A 114 -15.81 4.21 8.75
C GLN A 114 -15.20 3.46 7.56
N LEU A 115 -16.01 3.03 6.60
CA LEU A 115 -15.57 2.05 5.62
C LEU A 115 -15.45 2.63 4.22
N GLY A 116 -15.52 3.93 4.09
CA GLY A 116 -15.41 4.57 2.80
C GLY A 116 -16.23 5.85 2.78
N ARG A 117 -16.11 6.54 1.65
CA ARG A 117 -16.69 7.87 1.49
CA ARG A 117 -16.70 7.86 1.49
C ARG A 117 -17.28 7.95 0.09
N TRP A 118 -18.57 8.17 0.01
CA TRP A 118 -19.28 8.22 -1.26
C TRP A 118 -19.62 9.66 -1.61
N MET A 119 -19.64 9.92 -2.90
CA MET A 119 -20.12 11.19 -3.44
C MET A 119 -20.99 10.85 -4.63
N SER A 120 -22.11 11.55 -4.76
CA SER A 120 -22.94 11.34 -5.92
C SER A 120 -22.25 11.86 -7.18
N GLU A 121 -22.71 11.35 -8.32
CA GLU A 121 -22.18 11.79 -9.59
C GLU A 121 -22.49 13.26 -9.85
N GLU A 122 -23.61 13.77 -9.32
CA GLU A 122 -23.96 15.16 -9.54
C GLU A 122 -23.06 16.08 -8.73
N ASP A 123 -22.86 15.73 -7.45
CA ASP A 123 -21.98 16.51 -6.61
C ASP A 123 -20.55 16.50 -7.16
N PHE A 124 -20.14 15.36 -7.75
CA PHE A 124 -18.77 15.29 -8.26
C PHE A 124 -18.60 16.16 -9.52
N GLU A 125 -19.58 16.11 -10.43
CA GLU A 125 -19.51 16.96 -11.61
C GLU A 125 -19.33 18.41 -11.20
N LYS A 126 -20.07 18.86 -10.18
CA LYS A 126 -19.91 20.23 -9.71
C LYS A 126 -18.50 20.47 -9.19
N ALA A 127 -17.99 19.55 -8.35
CA ALA A 127 -16.65 19.69 -7.81
C ALA A 127 -15.61 19.74 -8.93
N PHE A 128 -15.77 18.86 -9.93
CA PHE A 128 -14.86 18.80 -11.06
C PHE A 128 -14.82 20.12 -11.81
N ASN A 129 -16.00 20.65 -12.15
CA ASN A 129 -16.09 21.88 -12.90
C ASN A 129 -15.55 23.08 -12.12
N ALA A 130 -15.53 23.01 -10.80
CA ALA A 130 -14.94 24.04 -9.96
C ALA A 130 -13.43 23.94 -9.86
N ARG A 131 -12.80 22.94 -10.50
CA ARG A 131 -11.39 22.66 -10.26
C ARG A 131 -10.58 22.58 -11.57
N PHE A 132 -11.01 21.71 -12.47
CA PHE A 132 -10.10 21.35 -13.56
C PHE A 132 -10.08 22.30 -14.75
N PRO A 133 -11.16 23.02 -15.09
CA PRO A 133 -11.07 23.99 -16.20
C PRO A 133 -9.88 24.93 -16.07
N GLY A 134 -8.98 24.89 -17.06
CA GLY A 134 -7.81 25.77 -17.08
C GLY A 134 -6.72 25.46 -16.09
N CYS A 135 -6.79 24.31 -15.40
CA CYS A 135 -5.94 24.15 -14.24
C CYS A 135 -4.46 23.96 -14.61
N MET A 136 -4.15 23.62 -15.85
CA MET A 136 -2.77 23.36 -16.25
C MET A 136 -2.17 24.50 -17.08
N LYS A 137 -2.87 25.61 -17.18
CA LYS A 137 -2.38 26.77 -17.91
C LYS A 137 -0.93 27.08 -17.56
N GLY A 138 -0.12 27.27 -18.58
CA GLY A 138 1.29 27.57 -18.39
C GLY A 138 2.15 26.41 -17.98
N ARG A 139 1.58 25.21 -17.89
CA ARG A 139 2.30 24.03 -17.46
C ARG A 139 2.35 22.97 -18.55
N THR A 140 3.28 22.04 -18.41
CA THR A 140 3.32 20.88 -19.27
C THR A 140 2.38 19.79 -18.75
N MET A 141 1.54 19.23 -19.63
N MET A 141 1.57 19.21 -19.62
CA MET A 141 0.79 18.02 -19.30
CA MET A 141 0.79 18.03 -19.27
C MET A 141 1.65 16.82 -19.68
C MET A 141 1.58 16.80 -19.67
N TYR A 142 2.03 16.03 -18.69
CA TYR A 142 2.81 14.82 -18.94
C TYR A 142 1.85 13.65 -19.08
N VAL A 143 2.05 12.85 -20.12
CA VAL A 143 1.24 11.66 -20.38
C VAL A 143 2.11 10.48 -20.00
N ILE A 144 1.68 9.76 -18.96
CA ILE A 144 2.46 8.66 -18.40
C ILE A 144 1.77 7.33 -18.68
N PRO A 145 2.21 6.55 -19.67
CA PRO A 145 1.63 5.22 -19.89
C PRO A 145 2.32 4.22 -18.96
N PHE A 146 1.55 3.52 -18.13
CA PHE A 146 2.19 2.64 -17.17
C PHE A 146 1.43 1.33 -17.00
N SER A 147 2.19 0.30 -16.59
CA SER A 147 1.67 -1.03 -16.29
C SER A 147 1.77 -1.27 -14.79
N MET A 148 0.68 -1.72 -14.18
CA MET A 148 0.67 -2.24 -12.82
C MET A 148 0.86 -3.74 -12.99
N GLY A 149 2.07 -4.21 -12.70
CA GLY A 149 2.41 -5.58 -12.86
C GLY A 149 3.40 -5.75 -13.98
N PRO A 150 4.05 -6.92 -14.02
CA PRO A 150 5.03 -7.18 -15.08
C PRO A 150 4.40 -7.04 -16.46
N LEU A 151 5.16 -6.43 -17.37
CA LEU A 151 4.67 -6.29 -18.74
CA LEU A 151 4.68 -6.29 -18.75
C LEU A 151 4.41 -7.66 -19.34
N GLY A 152 3.26 -7.81 -19.98
CA GLY A 152 2.89 -9.09 -20.54
C GLY A 152 2.32 -10.10 -19.55
N SER A 153 2.23 -9.75 -18.28
CA SER A 153 1.57 -10.63 -17.32
C SER A 153 0.06 -10.62 -17.59
N PRO A 154 -0.61 -11.77 -17.61
CA PRO A 154 -2.07 -11.75 -17.70
C PRO A 154 -2.73 -11.11 -16.50
N LEU A 155 -2.01 -10.92 -15.38
CA LEU A 155 -2.55 -10.28 -14.20
C LEU A 155 -2.31 -8.77 -14.18
N ALA A 156 -1.44 -8.26 -15.04
CA ALA A 156 -1.17 -6.83 -15.10
C ALA A 156 -2.32 -6.05 -15.71
N LYS A 157 -2.38 -4.77 -15.37
CA LYS A 157 -3.36 -3.83 -15.91
C LYS A 157 -2.64 -2.54 -16.27
N ILE A 158 -3.15 -1.83 -17.26
CA ILE A 158 -2.50 -0.64 -17.81
C ILE A 158 -3.32 0.58 -17.47
N GLY A 159 -2.62 1.67 -17.11
CA GLY A 159 -3.24 2.96 -16.96
C GLY A 159 -2.48 4.02 -17.73
N ILE A 160 -3.15 5.15 -17.93
CA ILE A 160 -2.56 6.36 -18.50
C ILE A 160 -2.78 7.45 -17.46
N GLU A 161 -1.71 8.06 -16.96
CA GLU A 161 -1.85 9.18 -16.04
C GLU A 161 -1.45 10.47 -16.75
N LEU A 162 -2.33 11.45 -16.70
CA LEU A 162 -2.08 12.82 -17.11
C LEU A 162 -1.80 13.61 -15.84
N THR A 163 -0.68 14.34 -15.83
CA THR A 163 -0.30 15.10 -14.66
C THR A 163 0.46 16.34 -15.13
N ASP A 164 0.38 17.40 -14.34
CA ASP A 164 1.22 18.57 -14.56
C ASP A 164 2.42 18.60 -13.62
N SER A 165 2.73 17.48 -12.98
CA SER A 165 3.79 17.43 -11.97
C SER A 165 4.95 16.55 -12.41
N PRO A 166 6.12 17.14 -12.69
CA PRO A 166 7.30 16.29 -12.96
C PRO A 166 7.71 15.40 -11.80
N TYR A 167 7.43 15.79 -10.55
CA TYR A 167 7.71 14.93 -9.42
C TYR A 167 6.93 13.62 -9.53
N VAL A 168 5.68 13.71 -10.01
CA VAL A 168 4.86 12.52 -10.22
C VAL A 168 5.44 11.67 -11.33
N VAL A 169 5.92 12.32 -12.39
CA VAL A 169 6.51 11.57 -13.49
C VAL A 169 7.69 10.74 -13.00
N ALA A 170 8.61 11.39 -12.27
CA ALA A 170 9.83 10.71 -11.85
C ALA A 170 9.51 9.59 -10.87
N SER A 171 8.56 9.83 -9.96
CA SER A 171 8.18 8.82 -8.97
C SER A 171 7.41 7.68 -9.62
N MET A 172 6.56 7.98 -10.61
CA MET A 172 5.87 6.92 -11.35
C MET A 172 6.84 6.05 -12.13
N ARG A 173 7.97 6.61 -12.58
CA ARG A 173 8.95 5.77 -13.26
C ARG A 173 9.53 4.72 -12.32
N ILE A 174 9.64 5.05 -11.04
CA ILE A 174 10.16 4.10 -10.06
C ILE A 174 9.07 3.12 -9.61
N MET A 175 7.85 3.61 -9.41
CA MET A 175 6.82 2.81 -8.75
C MET A 175 5.99 1.98 -9.71
N THR A 176 6.05 2.27 -11.01
CA THR A 176 5.37 1.50 -12.03
C THR A 176 6.32 1.22 -13.17
N ARG A 177 5.86 0.40 -14.11
CA ARG A 177 6.55 0.20 -15.38
C ARG A 177 5.97 1.20 -16.36
N MET A 178 6.82 2.06 -16.89
CA MET A 178 6.38 3.31 -17.52
C MET A 178 7.08 3.51 -18.86
N GLY A 179 6.32 3.99 -19.83
CA GLY A 179 6.92 4.46 -21.07
C GLY A 179 6.43 3.84 -22.36
N THR A 180 7.25 3.93 -23.40
CA THR A 180 6.81 3.58 -24.74
C THR A 180 6.44 2.10 -24.86
N SER A 181 7.23 1.23 -24.22
CA SER A 181 6.93 -0.20 -24.29
C SER A 181 5.52 -0.50 -23.81
N VAL A 182 5.04 0.26 -22.83
CA VAL A 182 3.69 0.06 -22.32
C VAL A 182 2.67 0.48 -23.36
N LEU A 183 2.91 1.60 -24.04
CA LEU A 183 1.96 2.04 -25.06
C LEU A 183 1.83 0.99 -26.16
N GLU A 184 2.97 0.47 -26.64
CA GLU A 184 2.93 -0.49 -27.73
C GLU A 184 2.21 -1.77 -27.32
N ALA A 185 2.44 -2.23 -26.09
CA ALA A 185 1.73 -3.42 -25.61
C ALA A 185 0.24 -3.18 -25.45
N LEU A 186 -0.17 -1.93 -25.24
CA LEU A 186 -1.57 -1.66 -24.94
C LEU A 186 -2.44 -1.84 -26.18
N GLY A 187 -2.01 -1.29 -27.31
CA GLY A 187 -2.83 -1.33 -28.50
C GLY A 187 -4.20 -0.75 -28.26
N ASP A 188 -5.22 -1.45 -28.76
CA ASP A 188 -6.61 -1.03 -28.57
C ASP A 188 -7.20 -1.55 -27.27
N GLY A 189 -6.40 -2.16 -26.41
CA GLY A 189 -6.90 -2.71 -25.17
C GLY A 189 -7.42 -1.66 -24.21
N GLU A 190 -7.91 -2.13 -23.07
CA GLU A 190 -8.52 -1.27 -22.08
C GLU A 190 -7.47 -0.75 -21.11
N PHE A 191 -7.76 0.42 -20.54
CA PHE A 191 -6.83 1.03 -19.62
C PHE A 191 -7.61 1.87 -18.65
N ILE A 192 -7.01 2.11 -17.50
CA ILE A 192 -7.57 3.00 -16.51
C ILE A 192 -7.11 4.43 -16.82
N LYS A 193 -8.06 5.37 -16.80
CA LYS A 193 -7.80 6.79 -17.06
C LYS A 193 -7.54 7.52 -15.75
N CYS A 194 -6.32 8.04 -15.59
CA CYS A 194 -5.89 8.73 -14.39
C CYS A 194 -5.57 10.18 -14.73
N LEU A 195 -6.25 11.11 -14.09
CA LEU A 195 -6.11 12.55 -14.34
C LEU A 195 -5.70 13.20 -13.04
N HIS A 196 -4.59 13.93 -13.06
CA HIS A 196 -4.08 14.56 -11.85
C HIS A 196 -3.61 15.97 -12.16
N SER A 197 -3.91 16.90 -11.27
CA SER A 197 -3.42 18.26 -11.35
C SER A 197 -3.12 18.74 -9.94
N VAL A 198 -1.97 19.39 -9.77
CA VAL A 198 -1.68 20.01 -8.49
C VAL A 198 -2.60 21.20 -8.24
N GLY A 199 -3.25 21.70 -9.28
CA GLY A 199 -4.28 22.70 -9.10
C GLY A 199 -3.75 24.11 -8.94
N CYS A 200 -2.73 24.48 -9.70
CA CYS A 200 -2.04 25.76 -9.55
C CYS A 200 -1.70 26.29 -10.94
N PRO A 201 -2.70 26.62 -11.73
CA PRO A 201 -2.43 27.16 -13.06
C PRO A 201 -1.55 28.39 -12.95
N LEU A 202 -0.82 28.66 -13.99
CA LEU A 202 -0.09 29.92 -13.98
C LEU A 202 -0.82 30.98 -14.80
N PRO A 203 -0.68 32.26 -14.44
CA PRO A 203 0.10 32.77 -13.30
C PRO A 203 -0.44 32.38 -11.93
N LEU A 204 0.48 32.10 -11.01
CA LEU A 204 0.09 31.70 -9.67
C LEU A 204 -0.84 32.75 -9.06
N LYS A 205 -1.94 32.26 -8.47
CA LYS A 205 -2.82 33.16 -7.72
C LYS A 205 -2.39 33.27 -6.27
N LYS A 206 -1.93 32.18 -5.68
CA LYS A 206 -1.43 32.19 -4.32
C LYS A 206 0.07 31.94 -4.31
N PRO A 207 0.75 32.34 -3.24
CA PRO A 207 2.20 32.09 -3.16
C PRO A 207 2.50 30.60 -3.10
N LEU A 208 3.60 30.22 -3.76
CA LEU A 208 4.07 28.84 -3.74
C LEU A 208 5.01 28.66 -2.54
N VAL A 209 4.67 27.71 -1.69
CA VAL A 209 5.44 27.41 -0.48
C VAL A 209 6.40 26.26 -0.77
N ASN A 210 7.66 26.44 -0.38
CA ASN A 210 8.68 25.39 -0.47
C ASN A 210 8.79 24.82 -1.88
N ASN A 211 8.61 25.70 -2.87
CA ASN A 211 8.53 25.35 -4.29
C ASN A 211 7.81 24.03 -4.53
N TRP A 212 6.63 23.92 -3.93
CA TRP A 212 5.83 22.71 -3.98
C TRP A 212 4.40 23.11 -4.34
N ALA A 213 4.01 22.87 -5.60
CA ALA A 213 2.66 23.20 -6.05
C ALA A 213 1.65 22.24 -5.41
N CYS A 214 0.54 22.82 -4.90
CA CYS A 214 -0.39 22.19 -3.96
C CYS A 214 -1.61 23.11 -3.96
N ASN A 215 -2.79 22.58 -3.63
CA ASN A 215 -3.99 23.39 -3.47
C ASN A 215 -4.87 22.72 -2.43
N PRO A 216 -4.54 22.88 -1.15
CA PRO A 216 -5.15 22.04 -0.13
C PRO A 216 -6.63 22.31 0.07
N GLU A 217 -7.11 23.53 -0.21
CA GLU A 217 -8.52 23.82 0.05
C GLU A 217 -9.43 23.09 -0.93
N LEU A 218 -8.97 22.88 -2.17
CA LEU A 218 -9.74 22.17 -3.17
C LEU A 218 -9.28 20.73 -3.38
N THR A 219 -8.48 20.20 -2.47
CA THR A 219 -7.95 18.85 -2.67
C THR A 219 -9.11 17.86 -2.67
N LEU A 220 -9.10 16.96 -3.65
CA LEU A 220 -10.17 15.98 -3.86
C LEU A 220 -9.58 14.83 -4.66
N ILE A 221 -9.62 13.62 -4.09
CA ILE A 221 -9.14 12.42 -4.77
C ILE A 221 -10.36 11.55 -5.02
N ALA A 222 -10.75 11.43 -6.29
CA ALA A 222 -12.00 10.82 -6.67
C ALA A 222 -11.76 9.57 -7.50
N HIS A 223 -12.64 8.60 -7.30
CA HIS A 223 -12.57 7.34 -8.03
C HIS A 223 -13.95 7.07 -8.63
N LEU A 224 -13.96 6.72 -9.91
CA LEU A 224 -15.19 6.51 -10.67
C LEU A 224 -15.08 5.14 -11.30
N PRO A 225 -15.33 4.08 -10.52
CA PRO A 225 -15.10 2.72 -11.06
C PRO A 225 -15.92 2.43 -12.30
N ASP A 226 -17.14 2.97 -12.40
CA ASP A 226 -17.99 2.61 -13.54
C ASP A 226 -17.56 3.31 -14.82
N ARG A 227 -16.74 4.37 -14.72
CA ARG A 227 -16.11 4.98 -15.88
C ARG A 227 -14.63 4.63 -16.02
N ARG A 228 -14.09 3.77 -15.14
CA ARG A 228 -12.68 3.36 -15.21
C ARG A 228 -11.76 4.57 -15.10
N GLU A 229 -12.07 5.46 -14.17
CA GLU A 229 -11.37 6.74 -14.08
C GLU A 229 -10.98 7.02 -12.63
N ILE A 230 -9.82 7.64 -12.45
CA ILE A 230 -9.40 8.24 -11.21
C ILE A 230 -9.15 9.71 -11.52
N ILE A 231 -9.68 10.61 -10.71
CA ILE A 231 -9.53 12.05 -10.95
C ILE A 231 -9.10 12.66 -9.64
N SER A 232 -7.88 13.24 -9.62
CA SER A 232 -7.29 13.71 -8.38
C SER A 232 -6.79 15.14 -8.54
N PHE A 233 -7.12 15.99 -7.57
CA PHE A 233 -6.87 17.42 -7.69
C PHE A 233 -6.29 17.99 -6.41
N GLY A 234 -5.26 18.82 -6.56
CA GLY A 234 -4.86 19.69 -5.48
C GLY A 234 -3.75 19.18 -4.61
N SER A 235 -3.42 17.91 -4.69
CA SER A 235 -2.32 17.36 -3.91
C SER A 235 -1.26 16.82 -4.84
N GLY A 236 -0.01 17.10 -4.51
CA GLY A 236 1.12 16.56 -5.22
C GLY A 236 1.81 15.43 -4.53
N TYR A 237 1.25 14.97 -3.40
CA TYR A 237 1.93 14.04 -2.51
C TYR A 237 1.46 12.61 -2.70
N GLY A 238 2.44 11.71 -2.69
CA GLY A 238 2.25 10.29 -2.50
C GLY A 238 1.01 9.69 -3.10
N GLY A 239 0.19 9.08 -2.26
CA GLY A 239 -1.00 8.38 -2.70
C GLY A 239 -2.05 9.26 -3.34
N ASN A 240 -1.93 10.58 -3.18
CA ASN A 240 -2.85 11.47 -3.86
C ASN A 240 -2.49 11.72 -5.31
N SER A 241 -1.22 11.54 -5.67
CA SER A 241 -0.71 11.99 -6.96
C SER A 241 -0.12 10.88 -7.80
N LEU A 242 0.60 9.96 -7.17
CA LEU A 242 1.02 8.71 -7.81
C LEU A 242 -0.21 7.80 -7.86
N LEU A 243 -0.99 7.94 -8.94
CA LEU A 243 -2.32 7.35 -8.94
C LEU A 243 -2.31 5.84 -9.08
N GLY A 244 -1.18 5.22 -9.43
CA GLY A 244 -1.07 3.79 -9.29
C GLY A 244 -1.01 3.31 -7.85
N LYS A 245 -0.42 4.12 -6.96
CA LYS A 245 0.01 3.63 -5.65
C LYS A 245 -1.13 3.02 -4.83
N LYS A 246 -2.30 3.68 -4.79
CA LYS A 246 -3.43 3.20 -4.02
C LYS A 246 -4.76 3.35 -4.77
N CYS A 247 -4.91 4.47 -5.48
CA CYS A 247 -6.15 4.77 -6.19
C CYS A 247 -6.47 3.67 -7.18
N PHE A 248 -5.48 3.26 -7.96
CA PHE A 248 -5.58 2.18 -8.92
C PHE A 248 -5.35 0.85 -8.23
N ALA A 249 -4.22 0.72 -7.52
CA ALA A 249 -3.77 -0.58 -7.03
C ALA A 249 -4.76 -1.22 -6.07
N LEU A 250 -5.46 -0.41 -5.27
CA LEU A 250 -6.44 -0.97 -4.33
C LEU A 250 -7.87 -0.54 -4.60
N ARG A 251 -8.15 0.76 -4.77
CA ARG A 251 -9.55 1.18 -4.85
C ARG A 251 -10.20 0.76 -6.17
N ILE A 252 -9.63 1.16 -7.28
CA ILE A 252 -10.21 0.74 -8.56
C ILE A 252 -10.04 -0.76 -8.73
N ALA A 253 -8.84 -1.27 -8.46
CA ALA A 253 -8.57 -2.67 -8.75
C ALA A 253 -9.42 -3.61 -7.90
N SER A 254 -9.79 -3.22 -6.69
CA SER A 254 -10.58 -4.15 -5.88
C SER A 254 -11.98 -4.29 -6.48
N ARG A 255 -12.47 -3.25 -7.15
CA ARG A 255 -13.74 -3.35 -7.87
C ARG A 255 -13.57 -4.19 -9.14
N LEU A 256 -12.50 -3.94 -9.91
CA LEU A 256 -12.20 -4.80 -11.04
C LEU A 256 -12.07 -6.26 -10.58
N ALA A 257 -11.40 -6.45 -9.44
CA ALA A 257 -11.21 -7.79 -8.92
C ALA A 257 -12.53 -8.47 -8.56
N LYS A 258 -13.46 -7.71 -7.98
CA LYS A 258 -14.75 -8.30 -7.66
C LYS A 258 -15.45 -8.75 -8.93
N GLU A 259 -15.40 -7.93 -9.99
CA GLU A 259 -16.12 -8.25 -11.22
C GLU A 259 -15.49 -9.44 -11.92
N GLU A 260 -14.16 -9.56 -11.87
CA GLU A 260 -13.42 -10.48 -12.72
C GLU A 260 -12.98 -11.75 -12.00
N GLY A 261 -13.12 -11.83 -10.69
CA GLY A 261 -12.86 -13.06 -9.97
C GLY A 261 -11.53 -13.17 -9.24
N TRP A 262 -10.83 -12.08 -9.00
CA TRP A 262 -9.54 -12.12 -8.31
C TRP A 262 -9.61 -11.21 -7.09
N LEU A 263 -8.45 -10.94 -6.48
CA LEU A 263 -8.37 -10.13 -5.27
C LEU A 263 -7.26 -9.09 -5.40
N ALA A 264 -7.51 -7.88 -4.93
CA ALA A 264 -6.51 -6.81 -4.86
C ALA A 264 -6.43 -6.36 -3.41
N GLU A 265 -5.26 -6.52 -2.80
CA GLU A 265 -5.15 -6.42 -1.34
C GLU A 265 -3.91 -5.64 -0.92
N HIS A 266 -4.00 -5.12 0.30
CA HIS A 266 -2.95 -4.33 0.94
C HIS A 266 -1.99 -5.28 1.66
N MET A 267 -1.33 -6.11 0.88
CA MET A 267 -0.49 -7.17 1.41
C MET A 267 0.91 -7.12 0.83
N LEU A 268 1.89 -7.45 1.67
CA LEU A 268 3.20 -7.84 1.18
C LEU A 268 3.13 -9.27 0.64
N ILE A 269 4.12 -9.62 -0.18
CA ILE A 269 4.33 -10.98 -0.66
C ILE A 269 5.79 -11.29 -0.40
N LEU A 270 6.06 -12.43 0.23
CA LEU A 270 7.44 -12.85 0.46
C LEU A 270 7.56 -14.33 0.17
N GLY A 271 8.73 -14.73 -0.29
CA GLY A 271 9.07 -16.14 -0.47
C GLY A 271 9.95 -16.58 0.66
N ILE A 272 9.70 -17.81 1.15
CA ILE A 272 10.44 -18.39 2.26
C ILE A 272 10.87 -19.80 1.88
N THR A 273 12.17 -20.09 2.05
CA THR A 273 12.73 -21.40 1.76
C THR A 273 13.27 -22.05 3.03
N ASN A 274 12.94 -23.37 3.26
CA ASN A 274 13.41 -24.22 4.37
C ASN A 274 14.79 -24.83 4.06
N PRO A 275 15.58 -25.40 4.99
CA PRO A 275 16.84 -25.97 4.57
C PRO A 275 16.88 -27.26 3.74
N GLU A 276 15.78 -27.79 3.23
CA GLU A 276 15.73 -28.92 2.27
C GLU A 276 15.29 -28.42 0.90
N GLY A 277 15.39 -27.11 0.64
CA GLY A 277 15.10 -26.50 -0.66
C GLY A 277 13.63 -26.25 -0.96
N LYS A 278 12.71 -26.55 -0.05
CA LYS A 278 11.27 -26.31 -0.32
C LYS A 278 11.00 -24.81 -0.09
N LYS A 279 10.50 -24.14 -1.10
CA LYS A 279 10.14 -22.70 -0.97
C LYS A 279 8.68 -22.56 -0.58
N LYS A 280 8.16 -21.51 0.06
CA LYS A 280 6.76 -21.16 0.09
C LYS A 280 6.61 -19.65 0.03
N TYR A 281 5.48 -19.20 -0.50
CA TYR A 281 5.19 -17.78 -0.60
C TYR A 281 4.04 -17.45 0.34
N LEU A 282 4.21 -16.39 1.13
CA LEU A 282 3.18 -15.90 2.02
C LEU A 282 2.80 -14.47 1.65
N ALA A 283 1.52 -14.14 1.86
CA ALA A 283 1.05 -12.76 1.76
C ALA A 283 0.62 -12.33 3.16
N ALA A 284 0.79 -11.06 3.47
CA ALA A 284 0.47 -10.56 4.80
C ALA A 284 -0.11 -9.16 4.74
N ALA A 285 -1.28 -8.98 5.34
CA ALA A 285 -1.98 -7.71 5.40
C ALA A 285 -1.85 -7.11 6.80
N PHE A 286 -1.02 -6.09 6.92
CA PHE A 286 -0.92 -5.30 8.13
C PHE A 286 -1.29 -3.85 7.80
N PRO A 287 -1.82 -3.10 8.75
CA PRO A 287 -2.09 -1.67 8.50
C PRO A 287 -0.80 -0.87 8.46
N SER A 288 -0.92 0.35 7.96
CA SER A 288 0.25 1.23 7.89
C SER A 288 0.89 1.36 9.26
N ALA A 289 2.22 1.27 9.27
CA ALA A 289 3.05 1.39 10.46
C ALA A 289 3.01 0.17 11.36
N CYS A 290 2.64 -0.99 10.82
CA CYS A 290 2.60 -2.24 11.58
C CYS A 290 3.56 -3.28 11.02
N GLY A 291 4.43 -2.90 10.09
CA GLY A 291 5.60 -3.68 9.78
C GLY A 291 5.58 -4.48 8.49
N LYS A 292 4.79 -4.11 7.50
CA LYS A 292 4.80 -4.87 6.25
C LYS A 292 6.19 -4.84 5.62
N THR A 293 6.74 -3.64 5.43
CA THR A 293 8.03 -3.51 4.75
C THR A 293 9.11 -4.24 5.53
N ASN A 294 9.10 -4.13 6.86
CA ASN A 294 10.09 -4.83 7.67
C ASN A 294 10.00 -6.34 7.47
N LEU A 295 8.79 -6.90 7.46
CA LEU A 295 8.68 -8.35 7.35
C LEU A 295 8.96 -8.82 5.92
N ALA A 296 8.61 -8.01 4.92
CA ALA A 296 8.81 -8.42 3.54
C ALA A 296 10.28 -8.43 3.17
N MET A 297 11.11 -7.70 3.89
CA MET A 297 12.54 -7.63 3.62
C MET A 297 13.34 -8.14 4.79
N MET A 298 12.70 -8.98 5.61
CA MET A 298 13.26 -9.45 6.86
C MET A 298 14.63 -10.07 6.64
N ASN A 299 15.52 -9.81 7.57
CA ASN A 299 16.72 -10.62 7.67
C ASN A 299 16.53 -11.64 8.78
N PRO A 300 16.28 -12.90 8.47
CA PRO A 300 15.94 -13.86 9.53
C PRO A 300 17.13 -14.12 10.45
N THR A 301 16.81 -14.33 11.73
CA THR A 301 17.81 -14.64 12.75
C THR A 301 18.10 -16.13 12.85
N LEU A 302 17.34 -16.98 12.14
CA LEU A 302 17.43 -18.43 12.35
C LEU A 302 18.26 -19.07 11.26
N PRO A 303 19.26 -19.89 11.61
CA PRO A 303 20.16 -20.43 10.59
C PRO A 303 19.42 -21.26 9.55
N GLY A 304 19.87 -21.14 8.30
CA GLY A 304 19.35 -21.94 7.22
C GLY A 304 18.10 -21.40 6.56
N TRP A 305 17.50 -20.36 7.12
CA TRP A 305 16.27 -19.80 6.57
C TRP A 305 16.58 -18.64 5.64
N LYS A 306 15.79 -18.52 4.57
CA LYS A 306 15.96 -17.48 3.57
C LYS A 306 14.62 -16.83 3.27
N VAL A 307 14.59 -15.50 3.35
CA VAL A 307 13.43 -14.69 3.02
C VAL A 307 13.75 -13.90 1.75
N GLU A 308 12.89 -13.93 0.72
CA GLU A 308 13.05 -13.18 -0.55
C GLU A 308 11.80 -12.32 -0.70
N CYS A 309 11.92 -11.04 -0.96
CA CYS A 309 10.85 -10.04 -1.14
C CYS A 309 10.30 -10.06 -2.56
N VAL A 310 8.98 -10.29 -2.74
CA VAL A 310 8.29 -10.06 -3.99
C VAL A 310 7.60 -8.70 -4.00
N GLY A 311 6.94 -8.32 -2.91
CA GLY A 311 6.35 -7.00 -2.79
C GLY A 311 6.14 -6.66 -1.33
N ASP A 312 6.07 -5.35 -1.06
CA ASP A 312 5.95 -4.89 0.31
C ASP A 312 4.66 -4.16 0.62
N ASP A 313 3.72 -4.08 -0.32
CA ASP A 313 2.55 -3.27 -0.06
C ASP A 313 1.27 -3.70 -0.73
N ILE A 314 1.36 -4.11 -1.99
CA ILE A 314 0.17 -4.42 -2.77
C ILE A 314 0.30 -5.81 -3.37
N ALA A 315 -0.77 -6.59 -3.30
CA ALA A 315 -0.79 -7.90 -3.91
C ALA A 315 -2.03 -8.01 -4.78
N TRP A 316 -1.84 -8.41 -6.03
CA TRP A 316 -2.95 -8.84 -6.88
C TRP A 316 -2.86 -10.36 -6.99
N MET A 317 -3.99 -11.04 -6.74
CA MET A 317 -3.99 -12.48 -6.59
C MET A 317 -5.18 -13.12 -7.28
N LYS A 318 -4.91 -14.20 -8.04
CA LYS A 318 -5.93 -14.87 -8.83
C LYS A 318 -5.68 -16.38 -8.83
N PHE A 319 -6.71 -17.16 -8.52
CA PHE A 319 -6.60 -18.62 -8.60
C PHE A 319 -6.40 -19.03 -10.06
N ASP A 320 -5.36 -19.82 -10.32
CA ASP A 320 -5.12 -20.28 -11.69
C ASP A 320 -5.90 -21.56 -11.95
N ALA A 321 -5.77 -22.10 -13.16
CA ALA A 321 -6.62 -23.22 -13.55
C ALA A 321 -6.36 -24.45 -12.67
N GLN A 322 -5.17 -24.57 -12.10
CA GLN A 322 -4.89 -25.69 -11.21
C GLN A 322 -5.27 -25.41 -9.75
N GLY A 323 -5.89 -24.27 -9.46
CA GLY A 323 -6.30 -23.95 -8.12
C GLY A 323 -5.28 -23.31 -7.21
N ASN A 324 -4.08 -23.01 -7.70
CA ASN A 324 -3.15 -22.28 -6.87
C ASN A 324 -3.50 -20.78 -6.88
N LEU A 325 -3.27 -20.12 -5.74
CA LEU A 325 -3.48 -18.68 -5.63
C LEU A 325 -2.21 -17.99 -6.11
N ARG A 326 -2.27 -17.39 -7.29
CA ARG A 326 -1.12 -16.75 -7.91
C ARG A 326 -1.15 -15.27 -7.63
N ALA A 327 -0.02 -14.73 -7.15
CA ALA A 327 0.08 -13.34 -6.74
C ALA A 327 1.17 -12.62 -7.51
N ILE A 328 0.87 -11.41 -7.97
CA ILE A 328 1.90 -10.53 -8.51
C ILE A 328 1.92 -9.27 -7.65
N ASN A 329 3.10 -8.66 -7.57
CA ASN A 329 3.28 -7.32 -7.06
C ASN A 329 3.04 -6.38 -8.25
N PRO A 330 1.95 -5.62 -8.29
CA PRO A 330 1.73 -4.74 -9.43
C PRO A 330 2.58 -3.48 -9.41
N GLU A 331 3.37 -3.24 -8.36
CA GLU A 331 4.26 -2.10 -8.28
C GLU A 331 5.67 -2.47 -8.74
N ASN A 332 6.44 -1.44 -9.10
CA ASN A 332 7.79 -1.57 -9.63
C ASN A 332 8.84 -1.05 -8.67
N GLY A 333 8.43 -0.63 -7.49
CA GLY A 333 9.34 -0.04 -6.53
C GLY A 333 8.70 -0.06 -5.16
N PHE A 334 9.41 0.50 -4.19
CA PHE A 334 8.95 0.54 -2.81
C PHE A 334 8.80 2.00 -2.41
N PHE A 335 7.62 2.39 -1.96
CA PHE A 335 7.31 3.72 -1.45
C PHE A 335 7.14 3.59 0.06
N GLY A 336 8.27 3.44 0.73
CA GLY A 336 8.32 3.10 2.14
C GLY A 336 8.40 4.31 3.04
N VAL A 337 7.83 4.15 4.24
CA VAL A 337 7.97 5.14 5.30
C VAL A 337 9.41 5.13 5.79
N ALA A 338 10.04 6.28 5.78
CA ALA A 338 11.46 6.31 6.09
C ALA A 338 11.74 6.26 7.58
N PRO A 339 11.10 7.09 8.40
CA PRO A 339 11.41 7.08 9.83
C PRO A 339 11.24 5.70 10.44
N GLY A 340 12.18 5.35 11.31
CA GLY A 340 12.21 4.04 11.92
C GLY A 340 13.04 3.02 11.18
N THR A 341 13.37 3.30 9.92
CA THR A 341 14.20 2.40 9.14
C THR A 341 15.64 2.52 9.60
N SER A 342 16.27 1.39 9.92
CA SER A 342 17.65 1.44 10.39
C SER A 342 18.40 0.16 10.02
N VAL A 343 19.71 0.22 10.29
CA VAL A 343 20.56 -0.96 10.21
C VAL A 343 19.93 -2.13 10.95
N LYS A 344 19.53 -1.89 12.19
CA LYS A 344 19.02 -2.95 13.05
C LYS A 344 17.71 -3.50 12.53
N THR A 345 16.75 -2.63 12.26
CA THR A 345 15.38 -3.05 12.00
C THR A 345 15.20 -3.55 10.57
N ASN A 346 15.82 -2.91 9.58
CA ASN A 346 15.63 -3.28 8.18
C ASN A 346 16.91 -3.03 7.40
N PRO A 347 17.94 -3.84 7.64
CA PRO A 347 19.22 -3.61 6.95
C PRO A 347 19.10 -3.69 5.44
N ASN A 348 18.22 -4.53 4.91
CA ASN A 348 18.20 -4.67 3.45
C ASN A 348 17.33 -3.62 2.76
N ALA A 349 16.52 -2.87 3.50
CA ALA A 349 15.96 -1.64 2.95
C ALA A 349 17.05 -0.56 2.86
N ILE A 350 17.95 -0.53 3.84
CA ILE A 350 19.07 0.42 3.80
C ILE A 350 19.93 0.18 2.57
N LYS A 351 20.21 -1.09 2.27
CA LYS A 351 20.92 -1.41 1.04
C LYS A 351 20.13 -0.96 -0.19
N THR A 352 18.81 -1.08 -0.15
CA THR A 352 18.03 -0.80 -1.36
C THR A 352 18.08 0.68 -1.72
N ILE A 353 18.06 1.57 -0.72
CA ILE A 353 17.79 2.98 -0.99
C ILE A 353 19.03 3.84 -1.19
N GLN A 354 20.23 3.27 -1.15
CA GLN A 354 21.37 4.16 -1.22
C GLN A 354 21.73 4.58 -2.64
N LYS A 355 20.98 4.14 -3.66
CA LYS A 355 21.15 4.69 -4.99
C LYS A 355 19.81 4.74 -5.70
N ASN A 356 19.68 5.75 -6.59
CA ASN A 356 18.57 5.87 -7.52
C ASN A 356 17.23 6.03 -6.83
N THR A 357 17.22 6.79 -5.73
CA THR A 357 16.07 6.88 -4.86
C THR A 357 15.66 8.32 -4.67
N ILE A 358 14.35 8.56 -4.68
CA ILE A 358 13.79 9.86 -4.34
C ILE A 358 13.29 9.82 -2.90
N PHE A 359 13.76 10.74 -2.09
CA PHE A 359 13.31 10.90 -0.70
C PHE A 359 12.40 12.11 -0.63
N THR A 360 11.37 12.05 0.19
CA THR A 360 10.48 13.20 0.38
C THR A 360 10.33 13.45 1.88
N ASN A 361 10.67 14.66 2.29
CA ASN A 361 10.39 15.16 3.63
C ASN A 361 11.21 14.49 4.72
N VAL A 362 12.40 13.98 4.40
CA VAL A 362 13.35 13.56 5.39
C VAL A 362 14.44 14.63 5.55
N ALA A 363 15.26 14.48 6.58
CA ALA A 363 16.34 15.42 6.82
C ALA A 363 17.57 15.03 6.00
N GLU A 364 18.48 16.00 5.86
CA GLU A 364 19.72 15.80 5.13
C GLU A 364 20.88 16.24 5.99
N THR A 365 21.96 15.48 5.96
CA THR A 365 23.15 15.72 6.74
C THR A 365 24.11 16.62 5.96
N SER A 366 25.04 17.25 6.70
CA SER A 366 26.03 18.12 6.10
C SER A 366 26.74 17.45 4.93
N ASP A 367 27.06 16.16 5.07
CA ASP A 367 27.80 15.43 4.05
C ASP A 367 26.92 15.01 2.87
N GLY A 368 25.71 15.52 2.78
CA GLY A 368 24.84 15.16 1.68
C GLY A 368 24.09 13.86 1.83
N GLY A 369 23.98 13.33 3.06
CA GLY A 369 23.24 12.12 3.32
C GLY A 369 21.81 12.40 3.79
N VAL A 370 21.12 11.31 4.16
CA VAL A 370 19.74 11.40 4.65
C VAL A 370 19.71 11.05 6.14
N TYR A 371 18.72 11.62 6.84
CA TYR A 371 18.54 11.38 8.27
C TYR A 371 17.07 11.33 8.65
N TRP A 372 16.74 10.46 9.62
CA TRP A 372 15.39 10.44 10.17
C TRP A 372 15.39 9.82 11.56
N GLU A 373 14.30 10.06 12.28
CA GLU A 373 14.08 9.40 13.58
C GLU A 373 14.24 7.90 13.42
N GLY A 374 14.98 7.30 14.35
CA GLY A 374 15.15 5.87 14.37
C GLY A 374 16.12 5.31 13.36
N ILE A 375 16.93 6.14 12.73
CA ILE A 375 17.89 5.64 11.76
C ILE A 375 19.06 4.92 12.43
N ASP A 376 19.29 5.16 13.72
CA ASP A 376 20.27 4.37 14.48
C ASP A 376 21.63 4.41 13.79
N GLU A 377 22.06 5.62 13.46
CA GLU A 377 23.34 5.84 12.77
C GLU A 377 24.02 7.02 13.43
N PRO A 378 25.03 6.78 14.27
CA PRO A 378 25.83 7.90 14.78
C PRO A 378 26.52 8.62 13.63
N LEU A 379 26.37 9.90 13.43
CA LEU A 379 27.19 10.60 12.43
C LEU A 379 28.49 11.05 13.09
N ALA A 380 29.50 11.33 12.29
CA ALA A 380 30.84 11.78 12.72
C ALA A 380 30.74 13.09 13.50
N PRO A 381 31.70 13.38 14.40
CA PRO A 381 31.69 14.66 15.08
C PRO A 381 31.85 15.75 14.02
N GLY A 382 31.05 16.81 14.07
CA GLY A 382 31.08 17.85 13.04
C GLY A 382 29.91 17.76 12.08
N VAL A 383 29.41 16.56 11.74
CA VAL A 383 28.29 16.40 10.77
C VAL A 383 27.04 17.02 11.40
N THR A 384 26.36 17.92 10.71
CA THR A 384 25.20 18.73 11.17
C THR A 384 23.98 18.33 10.35
N ILE A 385 22.76 18.60 10.82
CA ILE A 385 21.56 18.05 10.21
C ILE A 385 20.58 19.17 9.88
N THR A 386 20.02 19.13 8.67
CA THR A 386 18.98 20.06 8.23
C THR A 386 17.64 19.32 8.12
N SER A 387 16.62 19.90 8.75
CA SER A 387 15.34 19.22 8.89
C SER A 387 14.59 19.17 7.55
N TRP A 388 13.46 18.46 7.57
CA TRP A 388 12.55 18.43 6.44
C TRP A 388 11.82 19.76 6.24
N LYS A 389 11.86 20.66 7.22
CA LYS A 389 11.34 22.02 7.04
C LYS A 389 12.45 23.01 6.70
N ASN A 390 13.62 22.51 6.28
CA ASN A 390 14.73 23.33 5.81
C ASN A 390 15.18 24.33 6.87
N LYS A 391 15.55 23.78 8.02
CA LYS A 391 16.03 24.53 9.20
C LYS A 391 17.04 23.65 9.91
N GLU A 392 18.13 24.21 10.46
CA GLU A 392 19.15 23.42 11.19
C GLU A 392 18.47 22.71 12.36
N TRP A 393 18.87 21.49 12.65
CA TRP A 393 18.13 20.68 13.64
C TRP A 393 19.04 20.06 14.70
N ARG A 394 18.69 20.17 15.97
CA ARG A 394 19.50 19.51 17.02
C ARG A 394 18.58 18.61 17.86
N PRO A 395 18.96 17.36 18.16
CA PRO A 395 18.17 16.52 19.09
C PRO A 395 17.69 17.24 20.35
N GLU A 399 10.40 18.11 18.35
CA GLU A 399 10.12 18.13 16.89
C GLU A 399 11.03 17.16 16.16
N PRO A 400 10.55 16.33 15.21
CA PRO A 400 11.44 15.42 14.51
C PRO A 400 12.18 16.07 13.34
N CYS A 401 13.31 15.49 12.95
CA CYS A 401 14.15 15.87 11.80
C CYS A 401 13.42 15.58 10.46
N ALA A 402 12.79 14.42 10.35
CA ALA A 402 12.02 13.97 9.18
C ALA A 402 10.52 14.05 9.48
N HIS A 403 9.64 14.41 8.52
CA HIS A 403 8.17 14.44 8.71
C HIS A 403 7.82 12.98 8.98
N PRO A 404 6.88 12.44 9.99
CA PRO A 404 6.63 11.02 10.30
C PRO A 404 6.14 10.20 9.12
N ASN A 405 5.47 10.83 8.16
CA ASN A 405 5.06 10.16 6.93
C ASN A 405 6.03 10.42 5.80
N SER A 406 7.28 10.78 6.10
CA SER A 406 8.26 10.96 5.05
C SER A 406 8.60 9.62 4.42
N ARG A 407 9.03 9.65 3.16
CA ARG A 407 9.12 8.45 2.36
C ARG A 407 10.42 8.37 1.60
N PHE A 408 10.83 7.14 1.31
CA PHE A 408 11.73 6.88 0.21
C PHE A 408 10.94 6.22 -0.91
N CYS A 409 11.33 6.50 -2.15
CA CYS A 409 10.75 5.92 -3.34
C CYS A 409 11.91 5.31 -4.12
N THR A 410 11.99 3.98 -4.14
CA THR A 410 13.16 3.26 -4.62
C THR A 410 12.77 2.12 -5.53
N PRO A 411 13.61 1.78 -6.50
CA PRO A 411 13.29 0.64 -7.37
C PRO A 411 13.38 -0.69 -6.64
N ALA A 412 12.39 -1.57 -6.90
CA ALA A 412 12.37 -2.87 -6.26
C ALA A 412 13.50 -3.76 -6.76
N SER A 413 13.84 -3.66 -8.04
CA SER A 413 14.94 -4.38 -8.65
C SER A 413 16.23 -4.32 -7.85
N GLN A 414 16.38 -3.29 -7.01
CA GLN A 414 17.59 -3.08 -6.25
C GLN A 414 17.60 -3.78 -4.90
N CYS A 415 16.47 -4.36 -4.49
CA CYS A 415 16.41 -5.00 -3.20
C CYS A 415 17.37 -6.19 -3.17
N PRO A 416 18.32 -6.24 -2.24
CA PRO A 416 19.33 -7.32 -2.27
C PRO A 416 18.74 -8.72 -2.12
N ILE A 417 17.44 -8.85 -1.86
CA ILE A 417 16.85 -10.17 -1.67
C ILE A 417 15.58 -10.27 -2.51
N ILE A 418 15.55 -9.57 -3.63
CA ILE A 418 14.36 -9.59 -4.48
C ILE A 418 14.19 -10.99 -5.05
N ASP A 419 13.03 -11.57 -4.83
CA ASP A 419 12.76 -12.93 -5.26
C ASP A 419 13.01 -13.06 -6.76
N PRO A 420 13.61 -14.15 -7.21
CA PRO A 420 13.82 -14.31 -8.66
C PRO A 420 12.53 -14.36 -9.46
N ALA A 421 11.41 -14.70 -8.83
CA ALA A 421 10.12 -14.73 -9.51
C ALA A 421 9.33 -13.44 -9.34
N TRP A 422 9.95 -12.39 -8.81
CA TRP A 422 9.17 -11.21 -8.42
C TRP A 422 8.55 -10.52 -9.63
N GLU A 423 9.08 -10.73 -10.83
CA GLU A 423 8.44 -10.22 -12.05
C GLU A 423 7.83 -11.32 -12.90
N SER A 424 7.76 -12.54 -12.40
CA SER A 424 7.27 -13.62 -13.23
C SER A 424 5.84 -13.35 -13.69
N PRO A 425 5.55 -13.44 -14.99
CA PRO A 425 4.20 -13.07 -15.46
C PRO A 425 3.09 -13.91 -14.86
N GLU A 426 3.37 -15.12 -14.37
CA GLU A 426 2.31 -15.95 -13.81
C GLU A 426 2.06 -15.69 -12.34
N GLY A 427 2.92 -14.92 -11.67
CA GLY A 427 2.81 -14.72 -10.24
C GLY A 427 3.38 -15.89 -9.47
N VAL A 428 3.45 -15.70 -8.15
CA VAL A 428 3.99 -16.73 -7.25
C VAL A 428 2.83 -17.42 -6.54
N PRO A 429 2.97 -18.68 -6.13
CA PRO A 429 1.84 -19.41 -5.50
C PRO A 429 1.79 -19.12 -4.00
N ILE A 430 0.65 -18.63 -3.56
CA ILE A 430 0.46 -18.23 -2.17
C ILE A 430 -0.10 -19.40 -1.38
N GLU A 431 0.58 -19.78 -0.30
CA GLU A 431 0.16 -20.89 0.53
C GLU A 431 -0.28 -20.46 1.92
N GLY A 432 -0.02 -19.21 2.31
CA GLY A 432 -0.47 -18.70 3.59
C GLY A 432 -0.74 -17.21 3.53
N ILE A 433 -1.80 -16.77 4.21
CA ILE A 433 -2.17 -15.37 4.30
C ILE A 433 -2.13 -15.00 5.77
N ILE A 434 -1.50 -13.87 6.09
CA ILE A 434 -1.29 -13.44 7.46
C ILE A 434 -1.96 -12.10 7.69
N PHE A 435 -2.73 -11.99 8.77
CA PHE A 435 -3.30 -10.73 9.21
C PHE A 435 -2.63 -10.31 10.50
N GLY A 436 -2.62 -9.01 10.77
CA GLY A 436 -2.15 -8.57 12.06
C GLY A 436 -2.05 -7.06 12.17
N GLY A 437 -1.81 -6.63 13.39
CA GLY A 437 -1.69 -5.22 13.69
C GLY A 437 -1.11 -5.05 15.07
N ARG A 438 -1.27 -3.84 15.60
N ARG A 438 -1.31 -3.85 15.62
CA ARG A 438 -0.68 -3.46 16.88
CA ARG A 438 -0.71 -3.44 16.88
C ARG A 438 -1.72 -3.61 17.99
C ARG A 438 -1.72 -3.60 18.00
N ARG A 439 -1.55 -4.62 18.83
CA ARG A 439 -2.42 -4.83 19.99
C ARG A 439 -1.55 -4.97 21.22
N PRO A 440 -1.55 -4.00 22.14
CA PRO A 440 -0.67 -4.11 23.31
C PRO A 440 -1.16 -5.10 24.35
N ALA A 441 -2.42 -5.54 24.26
CA ALA A 441 -3.00 -6.42 25.28
C ALA A 441 -3.91 -7.44 24.64
N GLY A 442 -3.90 -8.66 25.19
CA GLY A 442 -4.91 -9.67 24.95
C GLY A 442 -4.69 -10.61 23.79
N VAL A 443 -4.02 -10.15 22.73
CA VAL A 443 -3.94 -10.87 21.47
C VAL A 443 -2.59 -11.58 21.41
N PRO A 444 -2.58 -12.90 21.29
CA PRO A 444 -1.30 -13.63 21.34
C PRO A 444 -0.47 -13.38 20.11
N LEU A 445 0.78 -13.85 20.20
CA LEU A 445 1.79 -13.56 19.18
C LEU A 445 1.38 -14.12 17.82
N VAL A 446 0.74 -15.28 17.81
CA VAL A 446 0.36 -15.93 16.58
C VAL A 446 -0.77 -16.92 16.86
N TYR A 447 -1.72 -17.01 15.94
CA TYR A 447 -2.70 -18.09 15.98
C TYR A 447 -3.15 -18.34 14.55
N GLU A 448 -3.78 -19.49 14.33
CA GLU A 448 -4.16 -19.94 13.01
C GLU A 448 -5.67 -20.17 12.94
N ALA A 449 -6.27 -19.77 11.82
CA ALA A 449 -7.70 -19.85 11.66
C ALA A 449 -8.16 -21.29 11.42
N LEU A 450 -9.37 -21.59 11.86
CA LEU A 450 -9.90 -22.95 11.85
C LEU A 450 -10.42 -23.38 10.49
N SER A 451 -10.60 -22.44 9.59
CA SER A 451 -11.22 -22.67 8.29
C SER A 451 -11.06 -21.39 7.50
N TRP A 452 -11.38 -21.47 6.21
CA TRP A 452 -11.42 -20.28 5.37
C TRP A 452 -12.43 -19.28 5.91
N GLN A 453 -13.64 -19.75 6.24
CA GLN A 453 -14.67 -18.83 6.72
C GLN A 453 -14.21 -18.11 7.98
N HIS A 454 -13.61 -18.86 8.91
CA HIS A 454 -13.10 -18.25 10.12
C HIS A 454 -11.97 -17.28 9.80
N GLY A 455 -11.15 -17.60 8.80
CA GLY A 455 -10.03 -16.74 8.46
C GLY A 455 -10.47 -15.43 7.88
N VAL A 456 -11.52 -15.46 7.04
CA VAL A 456 -12.12 -14.23 6.56
C VAL A 456 -12.66 -13.40 7.72
N PHE A 457 -13.26 -14.07 8.70
CA PHE A 457 -13.73 -13.38 9.91
C PHE A 457 -12.56 -12.72 10.65
N VAL A 458 -11.42 -13.41 10.74
CA VAL A 458 -10.25 -12.87 11.42
C VAL A 458 -9.79 -11.58 10.72
N GLY A 459 -9.73 -11.61 9.40
CA GLY A 459 -9.39 -10.42 8.65
C GLY A 459 -10.39 -9.30 8.88
N ALA A 460 -11.67 -9.64 8.95
CA ALA A 460 -12.72 -8.64 9.09
C ALA A 460 -12.74 -8.03 10.48
N ALA A 461 -12.22 -8.75 11.46
CA ALA A 461 -12.23 -8.31 12.85
C ALA A 461 -10.98 -7.54 13.24
N MET A 462 -9.99 -7.46 12.37
CA MET A 462 -8.71 -6.84 12.71
C MET A 462 -8.90 -5.46 13.34
N ARG A 463 -8.14 -5.20 14.41
CA ARG A 463 -8.10 -3.92 15.09
C ARG A 463 -6.64 -3.58 15.35
N SER A 464 -6.33 -2.28 15.44
CA SER A 464 -4.94 -1.88 15.56
C SER A 464 -4.83 -0.54 16.26
N GLU A 465 -3.79 -0.40 17.09
CA GLU A 465 -3.48 0.86 17.72
C GLU A 465 -3.24 1.94 16.66
N LYS A 475 -4.25 7.44 21.29
CA LYS A 475 -4.17 6.38 22.29
C LYS A 475 -5.38 5.46 22.11
N VAL A 476 -5.65 5.08 20.86
CA VAL A 476 -6.94 4.52 20.46
C VAL A 476 -6.73 3.26 19.64
N ILE A 477 -7.59 2.27 19.88
CA ILE A 477 -7.62 1.04 19.09
C ILE A 477 -8.77 1.15 18.11
N MET A 478 -8.49 1.01 16.84
CA MET A 478 -9.45 1.18 15.78
C MET A 478 -9.50 -0.03 14.86
N HIS A 479 -10.67 -0.27 14.31
CA HIS A 479 -10.86 -1.31 13.33
C HIS A 479 -10.19 -0.95 12.01
N ASP A 480 -9.52 -1.94 11.42
CA ASP A 480 -8.91 -1.82 10.11
C ASP A 480 -9.05 -3.17 9.42
N PRO A 481 -10.27 -3.54 9.02
CA PRO A 481 -10.47 -4.87 8.42
C PRO A 481 -9.61 -5.07 7.18
N PHE A 482 -8.91 -6.20 7.16
CA PHE A 482 -8.04 -6.61 6.08
C PHE A 482 -6.94 -5.60 5.80
N ALA A 483 -6.66 -4.71 6.75
CA ALA A 483 -5.78 -3.56 6.54
C ALA A 483 -6.25 -2.68 5.38
N MET A 484 -7.53 -2.72 5.07
CA MET A 484 -8.05 -2.04 3.89
C MET A 484 -9.04 -0.93 4.21
N ARG A 485 -9.19 -0.55 5.47
CA ARG A 485 -10.22 0.44 5.80
C ARG A 485 -10.19 1.65 4.87
N PRO A 486 -9.03 2.25 4.58
CA PRO A 486 -9.00 3.44 3.70
C PRO A 486 -9.11 3.13 2.21
N PHE A 487 -9.16 1.87 1.81
CA PHE A 487 -8.93 1.53 0.43
C PHE A 487 -10.01 0.68 -0.24
N PHE A 488 -11.10 0.34 0.44
CA PHE A 488 -12.13 -0.44 -0.23
C PHE A 488 -12.68 0.31 -1.42
N GLY A 489 -12.72 -0.34 -2.57
CA GLY A 489 -13.30 0.28 -3.74
C GLY A 489 -14.78 0.13 -3.83
N TYR A 490 -15.38 -0.67 -2.94
CA TYR A 490 -16.82 -0.93 -2.96
C TYR A 490 -17.23 -1.44 -1.58
N ASN A 491 -18.52 -1.76 -1.46
CA ASN A 491 -19.16 -2.09 -0.20
C ASN A 491 -18.43 -3.21 0.52
N PHE A 492 -18.01 -2.94 1.75
CA PHE A 492 -17.18 -3.88 2.50
C PHE A 492 -17.89 -5.21 2.75
N GLY A 493 -19.21 -5.19 2.93
CA GLY A 493 -19.96 -6.43 3.06
C GLY A 493 -19.86 -7.27 1.81
N LYS A 494 -19.95 -6.63 0.63
CA LYS A 494 -19.78 -7.37 -0.61
C LYS A 494 -18.35 -7.87 -0.79
N TYR A 495 -17.37 -7.09 -0.30
CA TYR A 495 -15.97 -7.52 -0.29
C TYR A 495 -15.80 -8.80 0.54
N LEU A 496 -16.39 -8.84 1.73
CA LEU A 496 -16.35 -10.06 2.52
C LEU A 496 -17.00 -11.22 1.77
N ALA A 497 -18.19 -10.98 1.20
CA ALA A 497 -18.84 -12.01 0.39
C ALA A 497 -17.94 -12.48 -0.73
N HIS A 498 -17.22 -11.54 -1.36
CA HIS A 498 -16.30 -11.90 -2.42
C HIS A 498 -15.20 -12.84 -1.91
N TRP A 499 -14.63 -12.53 -0.75
CA TRP A 499 -13.60 -13.39 -0.19
C TRP A 499 -14.15 -14.78 0.12
N LEU A 500 -15.35 -14.84 0.69
CA LEU A 500 -15.96 -16.13 1.02
C LEU A 500 -16.24 -16.94 -0.24
N SER A 501 -16.62 -16.27 -1.32
CA SER A 501 -16.91 -16.97 -2.57
C SER A 501 -15.71 -17.71 -3.13
N MET A 502 -14.49 -17.38 -2.74
CA MET A 502 -13.34 -18.12 -3.25
C MET A 502 -13.41 -19.60 -2.86
N ALA A 503 -14.01 -19.89 -1.70
CA ALA A 503 -14.12 -21.28 -1.29
C ALA A 503 -15.07 -22.09 -2.18
N HIS A 504 -16.07 -21.46 -2.78
CA HIS A 504 -17.02 -22.14 -3.70
C HIS A 504 -16.45 -21.99 -5.09
N ARG A 505 -15.39 -22.71 -5.34
CA ARG A 505 -14.65 -22.67 -6.61
C ARG A 505 -13.91 -24.01 -6.60
N PRO A 506 -14.37 -25.04 -7.35
CA PRO A 506 -13.64 -26.32 -7.43
C PRO A 506 -12.18 -26.11 -7.91
N ALA A 507 -11.20 -26.80 -7.27
CA ALA A 507 -9.72 -26.84 -7.40
C ALA A 507 -9.05 -25.83 -6.47
N ALA A 508 -9.74 -24.80 -5.99
CA ALA A 508 -9.16 -23.73 -5.17
C ALA A 508 -8.36 -24.34 -4.01
N LYS A 509 -7.09 -24.01 -3.88
CA LYS A 509 -6.23 -24.52 -2.82
C LYS A 509 -6.18 -23.38 -1.83
N LEU A 510 -7.17 -23.29 -0.96
CA LEU A 510 -7.33 -22.14 -0.08
C LEU A 510 -6.15 -22.04 0.88
N PRO A 511 -5.40 -20.94 0.89
CA PRO A 511 -4.26 -20.86 1.81
C PRO A 511 -4.71 -20.82 3.25
N LYS A 512 -3.84 -21.30 4.12
CA LYS A 512 -4.06 -21.17 5.56
C LYS A 512 -3.96 -19.71 5.96
N ILE A 513 -4.78 -19.33 6.94
CA ILE A 513 -4.86 -17.96 7.39
C ILE A 513 -4.37 -17.90 8.82
N PHE A 514 -3.48 -16.95 9.10
CA PHE A 514 -2.91 -16.73 10.41
C PHE A 514 -3.19 -15.30 10.84
N HIS A 515 -3.09 -15.06 12.14
CA HIS A 515 -3.11 -13.72 12.70
C HIS A 515 -1.92 -13.58 13.64
N VAL A 516 -1.15 -12.50 13.49
CA VAL A 516 0.01 -12.27 14.31
C VAL A 516 -0.13 -10.95 15.07
N ASN A 517 0.63 -10.85 16.15
CA ASN A 517 0.72 -9.63 16.96
C ASN A 517 2.18 -9.49 17.41
N TRP A 518 2.91 -8.59 16.79
CA TRP A 518 4.28 -8.35 17.24
C TRP A 518 4.34 -7.48 18.50
N PHE A 519 3.21 -6.91 18.91
CA PHE A 519 3.23 -5.69 19.71
C PHE A 519 2.60 -5.86 21.09
N ARG A 520 2.43 -7.09 21.55
CA ARG A 520 1.94 -7.28 22.90
C ARG A 520 2.95 -6.75 23.91
N LYS A 521 2.45 -6.06 24.94
CA LYS A 521 3.28 -5.45 25.96
C LYS A 521 2.97 -6.07 27.33
N ASP A 522 3.94 -6.00 28.24
CA ASP A 522 3.72 -6.39 29.62
C ASP A 522 3.18 -5.19 30.40
N LYS A 523 2.97 -5.38 31.70
CA LYS A 523 2.29 -4.36 32.50
C LYS A 523 3.11 -3.08 32.68
N ASN A 524 4.38 -3.07 32.29
CA ASN A 524 5.19 -1.87 32.34
C ASN A 524 5.36 -1.21 30.97
N GLY A 525 4.68 -1.72 29.95
CA GLY A 525 4.76 -1.15 28.63
C GLY A 525 5.89 -1.65 27.76
N LYS A 526 6.54 -2.74 28.14
CA LYS A 526 7.65 -3.29 27.37
C LYS A 526 7.15 -4.39 26.44
N PHE A 527 7.73 -4.44 25.25
CA PHE A 527 7.37 -5.44 24.26
C PHE A 527 7.79 -6.84 24.71
N LEU A 528 6.80 -7.71 24.84
CA LEU A 528 7.04 -9.10 25.23
C LEU A 528 7.84 -9.86 24.18
N TRP A 529 7.84 -9.41 22.93
CA TRP A 529 8.46 -10.14 21.82
C TRP A 529 9.47 -9.22 21.16
N PRO A 530 10.75 -9.59 21.09
CA PRO A 530 11.73 -8.67 20.47
C PRO A 530 11.43 -8.37 19.02
N GLY A 531 10.88 -9.34 18.28
CA GLY A 531 10.39 -9.07 16.95
C GLY A 531 11.51 -8.89 15.94
N PHE A 532 11.19 -8.11 14.90
CA PHE A 532 12.06 -7.84 13.76
C PHE A 532 12.51 -9.17 13.19
N GLY A 533 13.81 -9.40 13.00
CA GLY A 533 14.26 -10.65 12.43
C GLY A 533 13.89 -11.86 13.26
N GLU A 534 13.57 -11.67 14.53
CA GLU A 534 13.09 -12.78 15.34
C GLU A 534 11.72 -13.27 14.90
N ASN A 535 11.02 -12.52 14.03
CA ASN A 535 9.73 -13.02 13.53
C ASN A 535 9.92 -14.21 12.62
N SER A 536 11.15 -14.45 12.15
CA SER A 536 11.44 -15.70 11.46
C SER A 536 11.02 -16.92 12.27
N ARG A 537 10.94 -16.79 13.60
CA ARG A 537 10.55 -17.93 14.43
C ARG A 537 9.05 -18.20 14.32
N VAL A 538 8.26 -17.16 14.08
CA VAL A 538 6.84 -17.34 13.82
C VAL A 538 6.63 -17.86 12.40
N LEU A 539 7.39 -17.35 11.44
CA LEU A 539 7.22 -17.80 10.07
C LEU A 539 7.53 -19.28 9.91
N GLU A 540 8.55 -19.80 10.59
CA GLU A 540 8.84 -21.23 10.45
C GLU A 540 7.66 -22.05 10.98
N TRP A 541 7.10 -21.62 12.12
CA TRP A 541 5.93 -22.33 12.62
C TRP A 541 4.82 -22.40 11.58
N MET A 542 4.55 -21.28 10.89
CA MET A 542 3.52 -21.27 9.86
C MET A 542 3.88 -22.20 8.71
N PHE A 543 5.16 -22.18 8.33
CA PHE A 543 5.66 -23.09 7.29
C PHE A 543 5.31 -24.53 7.63
N GLY A 544 5.56 -24.92 8.87
CA GLY A 544 5.33 -26.30 9.27
C GLY A 544 3.86 -26.66 9.37
N ARG A 545 3.02 -25.69 9.72
CA ARG A 545 1.58 -25.94 9.72
C ARG A 545 1.06 -26.08 8.29
N ILE A 546 1.57 -25.28 7.36
CA ILE A 546 1.18 -25.46 5.96
C ILE A 546 1.58 -26.84 5.48
N GLU A 547 2.74 -27.32 5.97
CA GLU A 547 3.25 -28.64 5.68
C GLU A 547 2.43 -29.74 6.35
N GLY A 548 1.59 -29.41 7.33
CA GLY A 548 0.79 -30.40 8.02
C GLY A 548 1.32 -30.90 9.34
N GLU A 549 2.40 -30.32 9.83
CA GLU A 549 3.02 -30.73 11.09
C GLU A 549 2.03 -30.54 12.24
N ASP A 550 2.01 -31.46 13.20
CA ASP A 550 1.14 -31.45 14.39
C ASP A 550 1.80 -30.61 15.47
N SER A 551 1.94 -29.32 15.24
CA SER A 551 2.63 -28.41 16.18
C SER A 551 1.62 -27.43 16.77
N ALA A 552 0.34 -27.74 16.71
CA ALA A 552 -0.69 -26.80 17.12
C ALA A 552 -1.55 -27.34 18.25
N LYS A 553 -1.97 -26.40 19.11
CA LYS A 553 -2.87 -26.60 20.24
C LYS A 553 -4.12 -25.78 19.99
N LEU A 554 -5.28 -26.44 20.07
CA LEU A 554 -6.53 -25.74 19.78
C LEU A 554 -6.92 -24.84 20.94
N THR A 555 -7.36 -23.61 20.61
CA THR A 555 -7.85 -22.70 21.62
C THR A 555 -9.16 -22.08 21.11
N PRO A 556 -9.87 -21.31 21.94
CA PRO A 556 -11.12 -20.69 21.47
C PRO A 556 -10.95 -19.79 20.26
N ILE A 557 -9.81 -19.09 20.13
CA ILE A 557 -9.62 -18.18 19.02
C ILE A 557 -9.01 -18.84 17.79
N GLY A 558 -8.56 -20.08 17.91
CA GLY A 558 -7.92 -20.81 16.84
C GLY A 558 -6.75 -21.62 17.38
N TYR A 559 -5.92 -22.11 16.47
CA TYR A 559 -4.75 -22.88 16.85
C TYR A 559 -3.60 -21.97 17.22
N VAL A 560 -2.90 -22.30 18.31
CA VAL A 560 -1.65 -21.62 18.67
C VAL A 560 -0.55 -22.67 18.68
N PRO A 561 0.73 -22.27 18.72
CA PRO A 561 1.80 -23.28 18.82
C PRO A 561 1.72 -24.06 20.12
N LYS A 562 1.98 -25.35 20.01
CA LYS A 562 2.16 -26.20 21.16
C LYS A 562 3.31 -25.71 22.04
N GLU A 563 3.35 -26.24 23.25
CA GLU A 563 4.51 -26.22 24.13
C GLU A 563 5.79 -26.50 23.34
N ASP A 564 6.73 -25.57 23.37
CA ASP A 564 8.05 -25.75 22.81
C ASP A 564 8.04 -25.93 21.30
N ALA A 565 6.89 -25.76 20.65
CA ALA A 565 6.84 -25.85 19.20
C ALA A 565 7.59 -24.70 18.55
N LEU A 566 7.51 -23.52 19.16
CA LEU A 566 8.24 -22.36 18.66
C LEU A 566 9.72 -22.46 19.04
N ASN A 567 10.58 -22.27 18.05
CA ASN A 567 12.02 -22.26 18.28
C ASN A 567 12.42 -20.95 18.95
N LEU A 568 12.76 -21.01 20.24
CA LEU A 568 13.10 -19.83 21.02
C LEU A 568 14.57 -19.80 21.47
N LYS A 569 15.42 -20.59 20.87
CA LYS A 569 16.84 -20.68 21.27
C LYS A 569 17.61 -19.46 20.79
N GLY A 570 18.32 -18.76 21.69
CA GLY A 570 19.04 -17.52 21.43
C GLY A 570 18.30 -16.34 22.00
N LEU A 571 17.00 -16.50 22.29
CA LEU A 571 16.14 -15.39 22.70
C LEU A 571 16.20 -15.17 24.19
N GLY A 572 16.85 -16.04 24.94
CA GLY A 572 16.90 -15.87 26.40
C GLY A 572 15.60 -16.39 26.97
N ASP A 573 15.10 -15.79 28.04
CA ASP A 573 13.86 -16.32 28.65
C ASP A 573 12.71 -15.39 28.24
N VAL A 574 12.22 -15.58 27.01
CA VAL A 574 11.00 -14.86 26.58
C VAL A 574 9.86 -15.31 27.51
N ASN A 575 9.07 -14.39 28.04
CA ASN A 575 7.94 -14.67 28.97
C ASN A 575 6.75 -15.20 28.20
N VAL A 576 6.85 -16.41 27.68
CA VAL A 576 5.87 -17.06 26.80
C VAL A 576 4.50 -17.20 27.47
N GLU A 577 4.41 -17.25 28.80
CA GLU A 577 3.10 -17.37 29.49
C GLU A 577 2.21 -16.18 29.09
N GLU A 578 2.71 -14.95 29.21
CA GLU A 578 1.84 -13.81 28.89
C GLU A 578 1.76 -13.56 27.40
N LEU A 579 2.83 -13.85 26.66
CA LEU A 579 2.82 -13.65 25.20
C LEU A 579 1.74 -14.49 24.52
N PHE A 580 1.35 -15.60 25.11
CA PHE A 580 0.30 -16.44 24.54
C PHE A 580 -0.92 -16.55 25.43
N GLY A 581 -0.96 -15.80 26.52
CA GLY A 581 -2.09 -15.85 27.42
C GLY A 581 -3.37 -15.42 26.73
N ILE A 582 -4.38 -16.30 26.75
CA ILE A 582 -5.71 -16.00 26.22
C ILE A 582 -6.64 -15.90 27.43
N SER A 583 -7.20 -14.71 27.64
CA SER A 583 -8.00 -14.41 28.81
C SER A 583 -9.47 -14.30 28.43
N LYS A 584 -10.32 -15.04 29.15
CA LYS A 584 -11.75 -15.01 28.85
C LYS A 584 -12.30 -13.59 28.95
N GLU A 585 -11.91 -12.85 29.97
CA GLU A 585 -12.46 -11.52 30.17
C GLU A 585 -12.10 -10.60 29.01
N PHE A 586 -10.84 -10.69 28.55
CA PHE A 586 -10.44 -9.87 27.41
C PHE A 586 -11.23 -10.24 26.16
N TRP A 587 -11.31 -11.54 25.86
CA TRP A 587 -11.95 -11.98 24.62
C TRP A 587 -13.46 -11.86 24.67
N GLU A 588 -14.05 -11.88 25.87
CA GLU A 588 -15.45 -11.50 25.99
C GLU A 588 -15.66 -10.05 25.56
N LYS A 589 -14.78 -9.16 26.01
CA LYS A 589 -14.90 -7.77 25.59
C LYS A 589 -14.65 -7.65 24.10
N GLU A 590 -13.65 -8.38 23.59
CA GLU A 590 -13.28 -8.26 22.19
C GLU A 590 -14.44 -8.65 21.28
N VAL A 591 -15.08 -9.77 21.58
CA VAL A 591 -16.09 -10.27 20.66
C VAL A 591 -17.33 -9.39 20.73
N GLU A 592 -17.62 -8.81 21.89
CA GLU A 592 -18.74 -7.89 21.98
C GLU A 592 -18.47 -6.63 21.16
N GLU A 593 -17.23 -6.12 21.21
N GLU A 593 -17.23 -6.11 21.24
CA GLU A 593 -16.90 -4.92 20.46
CA GLU A 593 -16.86 -4.94 20.45
C GLU A 593 -16.87 -5.19 18.95
C GLU A 593 -16.95 -5.23 18.97
N ILE A 594 -16.50 -6.40 18.54
CA ILE A 594 -16.55 -6.74 17.12
C ILE A 594 -18.00 -6.84 16.65
N ASP A 595 -18.86 -7.44 17.46
CA ASP A 595 -20.26 -7.60 17.11
C ASP A 595 -20.92 -6.24 16.88
N LYS A 596 -20.71 -5.30 17.79
CA LYS A 596 -21.35 -4.00 17.64
C LYS A 596 -20.77 -3.22 16.49
N TYR A 597 -19.47 -3.37 16.23
CA TYR A 597 -18.87 -2.72 15.07
C TYR A 597 -19.49 -3.23 13.77
N LEU A 598 -19.48 -4.54 13.58
CA LEU A 598 -20.02 -5.11 12.34
C LEU A 598 -21.50 -4.82 12.19
N GLU A 599 -22.27 -4.86 13.28
CA GLU A 599 -23.68 -4.52 13.20
C GLU A 599 -23.87 -3.08 12.74
N ASP A 600 -23.13 -2.15 13.34
CA ASP A 600 -23.29 -0.75 12.97
C ASP A 600 -22.78 -0.49 11.55
N GLN A 601 -21.57 -0.94 11.25
CA GLN A 601 -20.90 -0.50 10.02
C GLN A 601 -21.23 -1.35 8.81
N VAL A 602 -21.60 -2.61 8.97
CA VAL A 602 -21.86 -3.50 7.84
C VAL A 602 -23.35 -3.82 7.72
N ASN A 603 -24.01 -4.10 8.85
CA ASN A 603 -25.46 -4.07 8.92
C ASN A 603 -26.04 -5.10 7.95
N ALA A 604 -26.91 -4.71 7.02
CA ALA A 604 -27.59 -5.67 6.15
C ALA A 604 -26.65 -6.34 5.17
N ASP A 605 -25.43 -5.83 4.99
CA ASP A 605 -24.51 -6.40 4.04
C ASP A 605 -23.52 -7.37 4.65
N LEU A 606 -23.59 -7.61 5.94
CA LEU A 606 -22.75 -8.63 6.57
C LEU A 606 -23.13 -10.03 6.13
N PRO A 607 -22.24 -10.77 5.48
CA PRO A 607 -22.60 -12.13 5.07
C PRO A 607 -22.96 -13.03 6.24
N TYR A 608 -23.87 -13.95 5.96
CA TYR A 608 -24.31 -14.95 6.92
C TYR A 608 -23.13 -15.66 7.56
N GLU A 609 -22.16 -16.07 6.74
CA GLU A 609 -21.03 -16.85 7.26
C GLU A 609 -20.19 -16.05 8.25
N ILE A 610 -20.08 -14.73 8.07
CA ILE A 610 -19.26 -13.95 9.01
C ILE A 610 -19.98 -13.81 10.34
N GLU A 611 -21.29 -13.53 10.30
CA GLU A 611 -22.10 -13.52 11.51
C GLU A 611 -22.06 -14.86 12.22
N ARG A 612 -22.03 -15.96 11.46
CA ARG A 612 -21.96 -17.28 12.06
C ARG A 612 -20.63 -17.50 12.75
N GLU A 613 -19.53 -17.06 12.11
CA GLU A 613 -18.22 -17.16 12.75
C GLU A 613 -18.21 -16.34 14.04
N LEU A 614 -18.89 -15.19 14.03
CA LEU A 614 -18.93 -14.37 15.24
C LEU A 614 -19.66 -15.09 16.36
N ARG A 615 -20.84 -15.64 16.05
CA ARG A 615 -21.56 -16.44 17.03
C ARG A 615 -20.70 -17.60 17.52
N ALA A 616 -20.01 -18.29 16.62
CA ALA A 616 -19.19 -19.43 17.05
C ALA A 616 -18.10 -18.99 18.03
N LEU A 617 -17.41 -17.88 17.72
CA LEU A 617 -16.35 -17.43 18.61
C LEU A 617 -16.92 -17.02 19.96
N LYS A 618 -18.02 -16.29 19.95
CA LYS A 618 -18.64 -15.90 21.21
C LYS A 618 -18.98 -17.12 22.04
N GLN A 619 -19.43 -18.20 21.39
CA GLN A 619 -19.80 -19.40 22.13
C GLN A 619 -18.58 -20.10 22.67
N ARG A 620 -17.52 -20.22 21.86
CA ARG A 620 -16.30 -20.87 22.34
C ARG A 620 -15.71 -20.10 23.52
N ILE A 621 -15.76 -18.77 23.45
CA ILE A 621 -15.27 -17.94 24.56
C ILE A 621 -16.11 -18.16 25.80
N SER A 622 -17.42 -18.29 25.64
CA SER A 622 -18.30 -18.41 26.81
C SER A 622 -18.06 -19.70 27.57
N GLN A 623 -17.49 -20.72 26.93
CA GLN A 623 -17.27 -22.02 27.53
C GLN A 623 -15.89 -22.22 28.14
N MET A 624 -14.93 -21.35 27.85
CA MET A 624 -13.57 -21.56 28.36
C MET A 624 -13.52 -21.32 29.87
C CO2 B . 0.87 8.73 1.36
O1 CO2 B . 0.68 9.32 2.42
O2 CO2 B . 1.05 8.13 0.31
PB GDP C . 4.45 -0.52 7.15
O1B GDP C . 5.11 -1.25 6.01
O2B GDP C . 4.34 0.98 7.05
O3B GDP C . 3.21 -1.27 7.61
O3A GDP C . 5.41 -0.75 8.43
PA GDP C . 7.00 -0.49 8.47
O1A GDP C . 7.27 0.86 7.84
O2A GDP C . 7.69 -1.74 8.01
O5' GDP C . 7.23 -0.40 10.06
C5' GDP C . 6.59 0.66 10.79
C4' GDP C . 7.13 0.72 12.21
O4' GDP C . 6.86 -0.51 12.89
C3' GDP C . 8.63 0.91 12.19
O3' GDP C . 8.97 2.04 12.99
C2' GDP C . 9.22 -0.35 12.77
O2' GDP C . 10.38 -0.07 13.58
C1' GDP C . 8.05 -0.97 13.54
N9 GDP C . 8.15 -2.45 13.47
C8 GDP C . 8.23 -3.20 12.36
N7 GDP C . 8.35 -4.52 12.66
C5 GDP C . 8.34 -4.62 13.99
C6 GDP C . 8.44 -5.71 14.98
O6 GDP C . 8.54 -6.89 14.59
N1 GDP C . 8.39 -5.39 16.29
C2 GDP C . 8.28 -4.11 16.68
N2 GDP C . 8.23 -3.80 17.99
N3 GDP C . 8.19 -3.06 15.84
C4 GDP C . 8.22 -3.25 14.51
C1 PEP D . -0.18 2.56 3.50
O1 PEP D . 0.00 1.45 2.93
O2' PEP D . -1.25 2.79 4.12
C2 PEP D . 0.90 3.65 3.43
C3 PEP D . 0.53 4.90 3.27
O2 PEP D . 2.25 3.29 3.50
P PEP D . 2.79 2.09 4.53
O1P PEP D . 1.97 0.84 4.34
O2P PEP D . 2.68 2.57 5.95
O3P PEP D . 4.23 1.77 4.21
MN MN E . 5.61 0.03 4.03
MN MN F . -20.07 -19.98 1.79
MN MN G . 0.48 0.50 1.99
MN MN H . 10.65 21.67 -1.96
#